data_6ZYP
#
_entry.id   6ZYP
#
_cell.length_a   69.974
_cell.length_b   74.178
_cell.length_c   77.956
_cell.angle_alpha   90.000
_cell.angle_beta   90.000
_cell.angle_gamma   90.000
#
_symmetry.space_group_name_H-M   'P 21 21 21'
#
loop_
_entity.id
_entity.type
_entity.pdbx_description
1 polymer 'Metallo-beta-lactamase type 2'
2 non-polymer 'ZINC ION'
3 non-polymer '(2~{S},4~{R})-2-ethoxycarbonyl-5,5-dimethyl-2-(sulfanylmethyl)-1,3-thiazolidine-4-carboxylic acid'
4 non-polymer 'SULFATE ION'
5 water water
#
_entity_poly.entity_id   1
_entity_poly.type   'polypeptide(L)'
_entity_poly.pdbx_seq_one_letter_code
;GSGEIRPTIGQQMETGDQRFGDLVFRQLAPNVWQHTSYLDMPGFGAVASNGLIVRDGGRVLVVDTAWTDDQTAQILNWIK
QEINLPVALAVVTHAHQDKMGGMDALHAAGIATYANALSNQLAPQEGMVAAQHSLTFAANGWVEPATAPNFGPLKVFYPG
PGHTSDNITVGIDGTDIAFGGCLIKDSKAKSLGNLGDADTEHYAASARAFGAAFPKASMIVMSHSAPDSRAAITHTARMA
DKLR
;
_entity_poly.pdbx_strand_id   A,B
#
loop_
_chem_comp.id
_chem_comp.type
_chem_comp.name
_chem_comp.formula
QT2 non-polymer '(2~{S},4~{R})-2-ethoxycarbonyl-5,5-dimethyl-2-(sulfanylmethyl)-1,3-thiazolidine-4-carboxylic acid' 'C10 H17 N O4 S2'
SO4 non-polymer 'SULFATE ION' 'O4 S -2'
ZN non-polymer 'ZINC ION' 'Zn 2'
#
# COMPACT_ATOMS: atom_id res chain seq x y z
N GLU A 4 9.75 34.27 -17.68
CA GLU A 4 10.17 32.88 -17.49
C GLU A 4 9.91 32.43 -16.06
N ILE A 5 9.55 31.16 -15.90
CA ILE A 5 9.32 30.58 -14.59
C ILE A 5 10.64 29.95 -14.11
N ARG A 6 11.12 30.40 -12.94
CA ARG A 6 12.38 29.94 -12.38
C ARG A 6 12.07 29.27 -11.04
N PRO A 7 11.71 27.99 -11.07
CA PRO A 7 11.16 27.38 -9.85
C PRO A 7 12.19 27.27 -8.72
N THR A 8 11.67 27.36 -7.49
CA THR A 8 12.50 27.10 -6.32
C THR A 8 12.77 25.60 -6.17
N ILE A 9 11.78 24.76 -6.50
CA ILE A 9 11.96 23.32 -6.54
C ILE A 9 11.63 22.89 -7.95
N GLY A 10 12.52 22.13 -8.56
CA GLY A 10 12.34 21.67 -9.92
C GLY A 10 13.33 22.32 -10.87
N GLN A 11 13.38 21.77 -12.06
CA GLN A 11 14.35 22.21 -13.05
C GLN A 11 13.95 23.55 -13.63
N GLN A 12 14.95 24.29 -14.10
CA GLN A 12 14.72 25.54 -14.78
C GLN A 12 14.42 25.26 -16.25
N MET A 13 14.03 26.30 -16.97
CA MET A 13 13.75 26.16 -18.40
C MET A 13 15.04 26.01 -19.18
N GLU A 14 14.98 25.23 -20.25
CA GLU A 14 16.16 24.87 -21.04
C GLU A 14 15.78 24.84 -22.52
N THR A 15 16.78 24.98 -23.38
CA THR A 15 16.54 24.88 -24.81
C THR A 15 15.91 23.52 -25.12
N GLY A 16 14.95 23.53 -26.04
CA GLY A 16 14.16 22.35 -26.35
C GLY A 16 12.86 22.29 -25.60
N ASP A 17 12.70 23.07 -24.54
CA ASP A 17 11.43 23.20 -23.86
C ASP A 17 10.49 24.08 -24.65
N GLN A 18 9.21 23.74 -24.62
CA GLN A 18 8.15 24.49 -25.26
C GLN A 18 7.22 24.98 -24.17
N ARG A 19 6.99 26.28 -24.12
CA ARG A 19 6.00 26.84 -23.21
C ARG A 19 4.65 26.85 -23.92
N PHE A 20 3.63 26.39 -23.21
CA PHE A 20 2.27 26.30 -23.71
C PHE A 20 1.37 26.72 -22.54
N GLY A 21 0.80 27.92 -22.65
CA GLY A 21 0.16 28.49 -21.49
C GLY A 21 1.19 28.61 -20.37
N ASP A 22 0.84 28.16 -19.18
CA ASP A 22 1.75 28.20 -18.05
C ASP A 22 2.46 26.87 -17.83
N LEU A 23 2.37 25.95 -18.79
CA LEU A 23 2.99 24.65 -18.72
C LEU A 23 4.21 24.58 -19.64
N VAL A 24 5.10 23.63 -19.37
CA VAL A 24 6.30 23.40 -20.16
C VAL A 24 6.33 21.93 -20.61
N PHE A 25 6.68 21.71 -21.88
CA PHE A 25 6.74 20.39 -22.49
C PHE A 25 8.10 20.18 -23.11
N ARG A 26 8.66 18.99 -22.90
CA ARG A 26 9.98 18.67 -23.42
C ARG A 26 9.97 17.25 -23.97
N GLN A 27 10.41 17.09 -25.20
CA GLN A 27 10.52 15.78 -25.81
C GLN A 27 11.74 15.05 -25.26
N LEU A 28 11.53 13.83 -24.77
CA LEU A 28 12.59 12.97 -24.25
C LEU A 28 12.99 11.86 -25.21
N ALA A 29 12.08 11.46 -26.09
CA ALA A 29 12.31 10.40 -27.07
C ALA A 29 11.29 10.60 -28.18
N PRO A 30 11.41 9.88 -29.30
CA PRO A 30 10.46 10.10 -30.41
C PRO A 30 8.99 10.08 -30.00
N ASN A 31 8.64 9.22 -29.05
CA ASN A 31 7.25 9.06 -28.65
C ASN A 31 7.02 9.38 -27.18
N VAL A 32 7.89 10.15 -26.54
CA VAL A 32 7.77 10.43 -25.11
C VAL A 32 8.09 11.89 -24.85
N TRP A 33 7.23 12.52 -24.05
CA TRP A 33 7.40 13.90 -23.63
C TRP A 33 7.21 14.02 -22.13
N GLN A 34 7.89 14.99 -21.54
CA GLN A 34 7.70 15.35 -20.15
C GLN A 34 6.83 16.58 -20.08
N HIS A 35 5.78 16.52 -19.24
CA HIS A 35 4.95 17.68 -18.94
C HIS A 35 5.34 18.24 -17.58
N THR A 36 5.37 19.57 -17.48
CA THR A 36 5.77 20.26 -16.26
C THR A 36 4.75 21.35 -15.96
N SER A 37 4.24 21.36 -14.75
CA SER A 37 3.33 22.39 -14.26
C SER A 37 3.84 22.93 -12.94
N TYR A 38 3.34 24.08 -12.53
CA TYR A 38 3.90 24.84 -11.42
C TYR A 38 2.83 25.25 -10.41
N LEU A 39 3.19 25.22 -9.14
CA LEU A 39 2.35 25.72 -8.07
C LEU A 39 3.16 26.70 -7.24
N ASP A 40 2.56 27.86 -6.98
CA ASP A 40 3.21 28.90 -6.18
C ASP A 40 2.97 28.59 -4.72
N MET A 41 4.05 28.47 -3.95
CA MET A 41 3.91 28.33 -2.52
C MET A 41 4.30 29.64 -1.84
N PRO A 42 3.50 30.16 -0.92
CA PRO A 42 3.75 31.50 -0.39
C PRO A 42 5.12 31.60 0.29
N GLY A 43 5.83 32.70 0.00
CA GLY A 43 7.13 32.92 0.60
C GLY A 43 8.21 31.97 0.14
N PHE A 44 7.88 31.03 -0.74
CA PHE A 44 8.77 29.95 -1.15
C PHE A 44 9.03 29.93 -2.65
N GLY A 45 8.12 30.45 -3.44
CA GLY A 45 8.19 30.45 -4.89
C GLY A 45 7.57 29.25 -5.55
N ALA A 46 7.86 29.14 -6.85
CA ALA A 46 7.28 28.11 -7.69
C ALA A 46 7.86 26.73 -7.44
N VAL A 47 6.98 25.73 -7.43
CA VAL A 47 7.35 24.34 -7.34
C VAL A 47 6.90 23.64 -8.62
N ALA A 48 7.85 23.02 -9.33
CA ALA A 48 7.57 22.25 -10.52
C ALA A 48 7.19 20.82 -10.19
N SER A 49 6.29 20.27 -10.99
CA SER A 49 6.00 18.85 -10.96
C SER A 49 5.98 18.31 -12.38
N ASN A 50 6.65 17.19 -12.58
CA ASN A 50 6.76 16.56 -13.89
C ASN A 50 5.95 15.28 -13.99
N GLY A 51 5.38 15.06 -15.17
CA GLY A 51 4.79 13.81 -15.59
C GLY A 51 5.18 13.44 -17.01
N LEU A 52 4.53 12.43 -17.58
CA LEU A 52 4.90 11.96 -18.91
C LEU A 52 3.69 11.85 -19.82
N ILE A 53 3.99 11.91 -21.13
CA ILE A 53 3.03 11.73 -22.22
C ILE A 53 3.69 10.76 -23.18
N VAL A 54 2.97 9.71 -23.56
CA VAL A 54 3.54 8.65 -24.40
C VAL A 54 2.61 8.45 -25.59
N ARG A 55 3.17 8.50 -26.79
CA ARG A 55 2.44 8.14 -28.01
C ARG A 55 2.64 6.65 -28.27
N ASP A 56 1.55 5.88 -28.35
CA ASP A 56 1.57 4.43 -28.55
C ASP A 56 0.65 4.12 -29.73
N GLY A 57 1.23 4.04 -30.92
CA GLY A 57 0.42 3.84 -32.10
C GLY A 57 -0.54 5.00 -32.30
N GLY A 58 -1.83 4.70 -32.35
CA GLY A 58 -2.86 5.69 -32.61
C GLY A 58 -3.48 6.26 -31.35
N ARG A 59 -2.80 6.18 -30.23
CA ARG A 59 -3.33 6.70 -28.98
C ARG A 59 -2.21 7.28 -28.12
N VAL A 60 -2.63 8.07 -27.14
CA VAL A 60 -1.74 8.70 -26.18
C VAL A 60 -2.08 8.21 -24.77
N LEU A 61 -1.04 8.03 -23.98
CA LEU A 61 -1.14 7.59 -22.59
C LEU A 61 -0.45 8.65 -21.74
N VAL A 62 -1.04 8.99 -20.59
CA VAL A 62 -0.51 10.02 -19.73
C VAL A 62 -0.12 9.43 -18.37
N VAL A 63 1.01 9.88 -17.82
CA VAL A 63 1.43 9.55 -16.46
C VAL A 63 1.39 10.83 -15.64
N ASP A 64 0.51 10.86 -14.64
CA ASP A 64 0.30 11.97 -13.71
C ASP A 64 -0.48 13.15 -14.30
N THR A 65 -1.32 13.73 -13.46
CA THR A 65 -1.95 14.98 -13.81
C THR A 65 -0.98 16.11 -13.51
N ALA A 66 -1.44 17.32 -13.80
CA ALA A 66 -0.83 18.54 -13.27
C ALA A 66 -1.41 18.84 -11.88
N TRP A 67 -0.96 19.95 -11.26
CA TRP A 67 -1.43 20.29 -9.93
C TRP A 67 -2.92 20.61 -9.89
N THR A 68 -3.48 21.14 -10.98
CA THR A 68 -4.87 21.59 -10.99
C THR A 68 -5.61 21.09 -12.23
N ASP A 69 -6.95 21.17 -12.16
CA ASP A 69 -7.77 20.80 -13.30
C ASP A 69 -7.48 21.69 -14.49
N ASP A 70 -7.36 23.00 -14.27
CA ASP A 70 -7.11 23.92 -15.38
C ASP A 70 -5.78 23.59 -16.07
N GLN A 71 -4.74 23.30 -15.29
CA GLN A 71 -3.46 22.94 -15.89
C GLN A 71 -3.55 21.61 -16.64
N THR A 72 -4.28 20.65 -16.08
CA THR A 72 -4.43 19.34 -16.72
C THR A 72 -5.20 19.47 -18.03
N ALA A 73 -6.22 20.35 -18.06
CA ALA A 73 -6.91 20.61 -19.33
C ALA A 73 -5.95 21.13 -20.40
N GLN A 74 -4.99 21.97 -20.00
CA GLN A 74 -3.98 22.45 -20.93
C GLN A 74 -3.06 21.33 -21.42
N ILE A 75 -2.75 20.31 -20.58
CA ILE A 75 -2.03 19.15 -21.08
C ILE A 75 -2.80 18.53 -22.24
N LEU A 76 -4.11 18.37 -22.06
CA LEU A 76 -4.94 17.77 -23.09
C LEU A 76 -4.95 18.63 -24.35
N ASN A 77 -4.94 19.97 -24.17
CA ASN A 77 -4.93 20.87 -25.34
C ASN A 77 -3.59 20.78 -26.07
N TRP A 78 -2.50 20.73 -25.33
CA TRP A 78 -1.18 20.55 -25.94
C TRP A 78 -1.13 19.24 -26.72
N ILE A 79 -1.65 18.15 -26.14
CA ILE A 79 -1.68 16.88 -26.86
C ILE A 79 -2.45 17.03 -28.17
N LYS A 80 -3.63 17.65 -28.13
CA LYS A 80 -4.41 17.85 -29.35
C LYS A 80 -3.58 18.56 -30.41
N GLN A 81 -2.87 19.62 -30.03
CA GLN A 81 -2.13 20.40 -31.00
C GLN A 81 -0.91 19.65 -31.53
N GLU A 82 -0.10 19.07 -30.63
CA GLU A 82 1.19 18.57 -31.06
C GLU A 82 1.18 17.12 -31.48
N ILE A 83 0.21 16.33 -31.01
CA ILE A 83 0.13 14.91 -31.34
C ILE A 83 -1.15 14.57 -32.11
N ASN A 84 -2.29 15.14 -31.71
CA ASN A 84 -3.57 14.94 -32.41
C ASN A 84 -3.95 13.46 -32.47
N LEU A 85 -3.86 12.78 -31.33
CA LEU A 85 -4.37 11.44 -31.17
C LEU A 85 -5.15 11.38 -29.87
N PRO A 86 -6.15 10.51 -29.77
CA PRO A 86 -6.95 10.47 -28.56
C PRO A 86 -6.15 9.95 -27.38
N VAL A 87 -6.46 10.48 -26.21
CA VAL A 87 -5.86 10.02 -24.96
C VAL A 87 -6.68 8.83 -24.47
N ALA A 88 -6.07 7.66 -24.45
CA ALA A 88 -6.77 6.43 -24.08
C ALA A 88 -6.87 6.24 -22.58
N LEU A 89 -5.85 6.63 -21.83
CA LEU A 89 -5.84 6.43 -20.38
C LEU A 89 -4.77 7.30 -19.74
N ALA A 90 -4.92 7.43 -18.42
CA ALA A 90 -3.95 8.08 -17.56
C ALA A 90 -3.72 7.24 -16.32
N VAL A 91 -2.46 7.15 -15.89
N VAL A 91 -2.49 7.18 -15.85
CA VAL A 91 -2.06 6.52 -14.64
CA VAL A 91 -2.21 6.51 -14.58
C VAL A 91 -1.51 7.60 -13.73
C VAL A 91 -1.42 7.45 -13.68
N VAL A 92 -1.87 7.57 -12.44
CA VAL A 92 -1.37 8.54 -11.48
C VAL A 92 -0.62 7.79 -10.39
N THR A 93 0.47 8.38 -9.90
CA THR A 93 1.47 7.59 -9.19
C THR A 93 1.43 7.70 -7.65
N HIS A 94 0.61 8.58 -7.07
CA HIS A 94 0.21 8.52 -5.66
C HIS A 94 -0.81 9.63 -5.39
N ALA A 95 -1.45 9.57 -4.20
CA ALA A 95 -2.54 10.49 -3.85
C ALA A 95 -2.02 11.77 -3.18
N HIS A 96 -1.25 12.54 -3.94
CA HIS A 96 -0.87 13.91 -3.59
C HIS A 96 -1.28 14.84 -4.75
N GLN A 97 -1.40 16.14 -4.45
CA GLN A 97 -1.97 17.10 -5.39
C GLN A 97 -1.18 17.18 -6.70
N ASP A 98 0.15 17.07 -6.63
CA ASP A 98 0.92 17.20 -7.85
C ASP A 98 0.65 16.11 -8.85
N LYS A 99 0.21 14.94 -8.38
CA LYS A 99 0.00 13.77 -9.22
C LYS A 99 -1.45 13.51 -9.55
N MET A 100 -2.39 13.95 -8.68
CA MET A 100 -3.81 13.64 -8.82
C MET A 100 -4.69 14.88 -8.74
N GLY A 101 -4.12 16.08 -8.63
CA GLY A 101 -4.90 17.29 -8.46
C GLY A 101 -5.80 17.61 -9.63
N GLY A 102 -5.52 17.05 -10.81
CA GLY A 102 -6.25 17.34 -12.03
C GLY A 102 -7.16 16.26 -12.54
N MET A 103 -7.55 15.35 -11.65
N MET A 103 -7.57 15.38 -11.65
CA MET A 103 -8.36 14.21 -12.07
CA MET A 103 -8.35 14.20 -12.05
C MET A 103 -9.63 14.64 -12.77
C MET A 103 -9.65 14.61 -12.74
N ASP A 104 -10.31 15.66 -12.24
CA ASP A 104 -11.59 16.07 -12.83
C ASP A 104 -11.45 16.45 -14.29
N ALA A 105 -10.34 17.06 -14.69
CA ALA A 105 -10.17 17.41 -16.09
C ALA A 105 -10.13 16.15 -16.96
N LEU A 106 -9.48 15.09 -16.48
CA LEU A 106 -9.46 13.83 -17.22
C LEU A 106 -10.85 13.21 -17.30
N HIS A 107 -11.56 13.17 -16.18
CA HIS A 107 -12.90 12.59 -16.17
C HIS A 107 -13.88 13.42 -17.00
N ALA A 108 -13.74 14.74 -16.96
CA ALA A 108 -14.61 15.57 -17.79
C ALA A 108 -14.44 15.27 -19.27
N ALA A 109 -13.23 14.90 -19.67
CA ALA A 109 -12.88 14.59 -21.04
C ALA A 109 -13.12 13.13 -21.41
N GLY A 110 -13.65 12.31 -20.50
CA GLY A 110 -13.95 10.93 -20.83
C GLY A 110 -12.75 10.01 -20.85
N ILE A 111 -11.66 10.37 -20.18
CA ILE A 111 -10.43 9.60 -20.18
C ILE A 111 -10.46 8.63 -19.01
N ALA A 112 -10.19 7.34 -19.30
CA ALA A 112 -10.10 6.32 -18.26
C ALA A 112 -8.87 6.52 -17.39
N THR A 113 -9.04 6.48 -16.09
CA THR A 113 -7.97 6.75 -15.14
C THR A 113 -7.70 5.57 -14.22
N TYR A 114 -6.43 5.44 -13.83
CA TYR A 114 -5.90 4.30 -13.09
C TYR A 114 -4.96 4.79 -11.99
N ALA A 115 -5.06 4.14 -10.84
CA ALA A 115 -4.12 4.37 -9.75
C ALA A 115 -4.00 3.10 -8.92
N ASN A 116 -2.94 3.01 -8.13
CA ASN A 116 -2.87 1.98 -7.09
C ASN A 116 -4.18 1.99 -6.30
N ALA A 117 -4.74 0.80 -6.06
CA ALA A 117 -5.94 0.70 -5.23
C ALA A 117 -5.80 1.49 -3.94
N LEU A 118 -4.62 1.44 -3.29
CA LEU A 118 -4.44 2.19 -2.05
C LEU A 118 -4.53 3.70 -2.29
N SER A 119 -4.01 4.18 -3.41
CA SER A 119 -4.18 5.60 -3.75
C SER A 119 -5.65 5.97 -3.84
N ASN A 120 -6.46 5.13 -4.47
CA ASN A 120 -7.87 5.42 -4.57
C ASN A 120 -8.55 5.36 -3.20
N GLN A 121 -8.12 4.43 -2.36
CA GLN A 121 -8.67 4.34 -1.01
C GLN A 121 -8.32 5.57 -0.18
N LEU A 122 -7.10 6.12 -0.37
CA LEU A 122 -6.66 7.29 0.37
C LEU A 122 -7.15 8.60 -0.23
N ALA A 123 -7.55 8.61 -1.48
CA ALA A 123 -7.83 9.88 -2.16
C ALA A 123 -8.80 10.77 -1.40
N PRO A 124 -9.95 10.29 -0.93
CA PRO A 124 -10.84 11.20 -0.20
C PRO A 124 -10.16 11.90 0.97
N GLN A 125 -9.40 11.16 1.77
CA GLN A 125 -8.71 11.76 2.91
C GLN A 125 -7.68 12.79 2.47
N GLU A 126 -7.10 12.61 1.30
CA GLU A 126 -6.07 13.49 0.75
C GLU A 126 -6.67 14.64 -0.06
N GLY A 127 -8.00 14.77 -0.10
CA GLY A 127 -8.63 15.83 -0.87
C GLY A 127 -8.55 15.65 -2.36
N MET A 128 -8.34 14.43 -2.83
CA MET A 128 -8.23 14.07 -4.24
C MET A 128 -9.47 13.32 -4.70
N VAL A 129 -9.76 13.45 -6.00
CA VAL A 129 -10.77 12.63 -6.67
C VAL A 129 -10.12 11.32 -7.04
N ALA A 130 -10.72 10.20 -6.65
CA ALA A 130 -10.15 8.89 -6.95
C ALA A 130 -10.18 8.63 -8.45
N ALA A 131 -9.19 7.86 -8.92
CA ALA A 131 -9.25 7.36 -10.28
C ALA A 131 -10.41 6.36 -10.43
N GLN A 132 -10.76 6.10 -11.68
CA GLN A 132 -11.89 5.21 -11.96
C GLN A 132 -11.55 3.75 -11.72
N HIS A 133 -10.28 3.36 -11.86
CA HIS A 133 -9.85 1.97 -11.81
C HIS A 133 -8.65 1.83 -10.90
N SER A 134 -8.49 0.62 -10.35
CA SER A 134 -7.49 0.33 -9.34
C SER A 134 -6.52 -0.73 -9.84
N LEU A 135 -5.24 -0.44 -9.67
CA LEU A 135 -4.16 -1.39 -9.92
C LEU A 135 -3.84 -2.19 -8.66
N THR A 136 -3.55 -3.48 -8.82
CA THR A 136 -3.04 -4.28 -7.72
C THR A 136 -1.71 -4.90 -8.15
N PHE A 137 -0.97 -5.41 -7.16
CA PHE A 137 0.44 -5.76 -7.31
C PHE A 137 0.76 -7.11 -6.71
N ALA A 138 1.67 -7.84 -7.35
CA ALA A 138 2.20 -9.08 -6.80
C ALA A 138 3.17 -8.76 -5.66
N ALA A 139 3.55 -9.81 -4.92
CA ALA A 139 4.50 -9.69 -3.82
C ALA A 139 5.86 -9.20 -4.29
N ASN A 140 6.22 -9.40 -5.55
CA ASN A 140 7.47 -8.90 -6.08
C ASN A 140 7.36 -7.48 -6.62
N GLY A 141 6.18 -6.86 -6.51
CA GLY A 141 6.00 -5.47 -6.89
C GLY A 141 5.41 -5.25 -8.26
N TRP A 142 5.44 -6.23 -9.14
CA TRP A 142 4.92 -6.02 -10.48
C TRP A 142 3.40 -5.96 -10.49
N VAL A 143 2.85 -5.06 -11.32
CA VAL A 143 1.41 -4.96 -11.47
C VAL A 143 0.82 -6.29 -11.90
N GLU A 144 -0.33 -6.64 -11.34
CA GLU A 144 -1.10 -7.75 -11.86
C GLU A 144 -1.69 -7.34 -13.20
N PRO A 145 -1.34 -8.02 -14.30
CA PRO A 145 -1.67 -7.50 -15.64
C PRO A 145 -3.17 -7.33 -15.89
N ALA A 146 -4.04 -8.13 -15.27
CA ALA A 146 -5.47 -7.95 -15.45
C ALA A 146 -5.95 -6.59 -14.96
N THR A 147 -5.21 -5.95 -14.05
CA THR A 147 -5.59 -4.65 -13.52
C THR A 147 -4.97 -3.51 -14.31
N ALA A 148 -4.18 -3.80 -15.34
CA ALA A 148 -3.54 -2.79 -16.17
C ALA A 148 -3.93 -3.02 -17.63
N PRO A 149 -5.22 -2.92 -17.94
CA PRO A 149 -5.68 -3.29 -19.28
C PRO A 149 -5.19 -2.30 -20.34
N ASN A 150 -4.62 -2.86 -21.40
CA ASN A 150 -4.18 -2.09 -22.57
C ASN A 150 -3.21 -0.97 -22.20
N PHE A 151 -2.31 -1.24 -21.26
CA PHE A 151 -1.32 -0.26 -20.85
C PHE A 151 -0.21 -0.13 -21.87
N GLY A 152 -0.14 -0.99 -22.89
CA GLY A 152 0.84 -0.84 -23.93
C GLY A 152 2.24 -0.81 -23.35
N PRO A 153 3.01 0.23 -23.66
CA PRO A 153 4.39 0.28 -23.18
C PRO A 153 4.55 0.65 -21.72
N LEU A 154 3.49 1.04 -21.01
CA LEU A 154 3.62 1.45 -19.62
C LEU A 154 3.72 0.19 -18.75
N LYS A 155 4.83 0.03 -18.08
CA LYS A 155 5.10 -1.12 -17.23
C LYS A 155 5.14 -0.66 -15.77
N VAL A 156 4.08 -0.96 -15.02
CA VAL A 156 3.87 -0.37 -13.70
C VAL A 156 4.45 -1.27 -12.61
N PHE A 157 5.20 -0.66 -11.68
CA PHE A 157 5.88 -1.38 -10.62
C PHE A 157 5.65 -0.65 -9.30
N TYR A 158 5.23 -1.41 -8.27
CA TYR A 158 5.10 -0.89 -6.92
C TYR A 158 6.37 -1.26 -6.15
N PRO A 159 7.24 -0.31 -5.80
CA PRO A 159 8.54 -0.65 -5.24
C PRO A 159 8.54 -0.88 -3.74
N GLY A 160 7.42 -0.66 -3.07
CA GLY A 160 7.32 -0.67 -1.63
C GLY A 160 7.13 0.74 -1.11
N PRO A 161 6.79 0.86 0.19
CA PRO A 161 6.56 2.19 0.77
C PRO A 161 7.85 3.01 0.78
N GLY A 162 7.71 4.30 0.50
CA GLY A 162 8.88 5.17 0.53
C GLY A 162 8.48 6.59 0.77
N HIS A 163 8.36 7.34 -0.33
CA HIS A 163 7.83 8.69 -0.27
C HIS A 163 6.44 8.69 0.36
N THR A 164 5.59 7.77 -0.07
CA THR A 164 4.32 7.47 0.58
C THR A 164 4.17 5.95 0.56
N SER A 165 3.15 5.44 1.26
CA SER A 165 2.93 4.00 1.22
C SER A 165 2.35 3.53 -0.11
N ASP A 166 1.76 4.42 -0.90
CA ASP A 166 1.06 4.07 -2.13
C ASP A 166 1.87 4.35 -3.40
N ASN A 167 3.06 4.92 -3.29
CA ASN A 167 3.79 5.37 -4.47
C ASN A 167 4.05 4.23 -5.45
N ILE A 168 3.81 4.51 -6.73
CA ILE A 168 4.10 3.57 -7.81
C ILE A 168 5.02 4.23 -8.84
N THR A 169 5.61 3.39 -9.68
CA THR A 169 6.60 3.80 -10.67
C THR A 169 6.26 3.16 -12.01
N VAL A 170 6.83 3.70 -13.10
CA VAL A 170 6.41 3.29 -14.44
C VAL A 170 7.63 3.28 -15.36
N GLY A 171 7.91 2.12 -15.96
CA GLY A 171 8.89 2.08 -17.04
C GLY A 171 8.20 2.26 -18.38
N ILE A 172 8.91 2.84 -19.36
CA ILE A 172 8.35 3.01 -20.70
C ILE A 172 9.06 2.00 -21.60
N ASP A 173 8.37 0.92 -21.89
CA ASP A 173 8.93 -0.12 -22.74
C ASP A 173 9.30 0.41 -24.10
N GLY A 174 10.36 -0.16 -24.64
CA GLY A 174 10.87 0.27 -25.91
C GLY A 174 11.68 1.54 -25.87
N THR A 175 11.96 2.07 -24.68
CA THR A 175 12.77 3.27 -24.50
C THR A 175 13.74 3.02 -23.37
N ASP A 176 14.62 4.00 -23.15
CA ASP A 176 15.55 3.97 -22.04
C ASP A 176 15.00 4.65 -20.79
N ILE A 177 13.69 4.93 -20.73
CA ILE A 177 13.10 5.82 -19.74
C ILE A 177 12.37 5.01 -18.67
N ALA A 178 12.58 5.40 -17.40
CA ALA A 178 11.74 4.96 -16.30
C ALA A 178 11.41 6.15 -15.41
N PHE A 179 10.21 6.14 -14.86
CA PHE A 179 9.66 7.25 -14.10
C PHE A 179 9.56 6.85 -12.64
N GLY A 180 10.32 7.55 -11.81
CA GLY A 180 10.30 7.26 -10.39
C GLY A 180 9.34 8.11 -9.59
N GLY A 181 8.67 9.06 -10.23
CA GLY A 181 7.73 9.89 -9.51
C GLY A 181 8.44 10.67 -8.42
N CYS A 182 7.77 10.80 -7.28
CA CYS A 182 8.30 11.51 -6.14
C CYS A 182 9.20 10.63 -5.26
N LEU A 183 9.33 9.33 -5.54
CA LEU A 183 10.21 8.47 -4.76
C LEU A 183 11.68 8.81 -4.97
N ILE A 184 12.08 9.09 -6.21
CA ILE A 184 13.49 9.28 -6.60
C ILE A 184 13.75 10.77 -6.70
N LYS A 185 14.88 11.21 -6.16
CA LYS A 185 15.37 12.58 -6.30
C LYS A 185 16.66 12.55 -7.10
N ASP A 186 17.03 13.68 -7.68
CA ASP A 186 18.19 13.66 -8.54
C ASP A 186 19.47 13.53 -7.70
N SER A 187 20.57 13.26 -8.40
CA SER A 187 21.82 12.97 -7.71
C SER A 187 22.44 14.19 -7.04
N LYS A 188 21.94 15.39 -7.33
CA LYS A 188 22.42 16.61 -6.67
C LYS A 188 21.56 16.98 -5.47
N ALA A 189 20.51 16.22 -5.17
CA ALA A 189 19.62 16.55 -4.07
C ALA A 189 20.38 16.51 -2.76
N LYS A 190 20.01 17.41 -1.85
CA LYS A 190 20.60 17.48 -0.53
C LYS A 190 19.77 16.74 0.51
N SER A 191 18.52 16.41 0.19
CA SER A 191 17.64 15.71 1.13
C SER A 191 16.51 15.08 0.36
N LEU A 192 15.77 14.22 1.05
CA LEU A 192 14.60 13.55 0.48
C LEU A 192 13.34 14.41 0.58
N GLY A 193 13.49 15.69 0.93
CA GLY A 193 12.37 16.60 0.95
C GLY A 193 11.51 16.39 2.18
N ASN A 194 10.21 16.57 2.00
CA ASN A 194 9.24 16.43 3.08
C ASN A 194 8.96 14.95 3.32
N LEU A 195 9.26 14.49 4.54
CA LEU A 195 9.09 13.09 4.91
C LEU A 195 7.84 12.86 5.75
N GLY A 196 6.90 13.81 5.74
CA GLY A 196 5.75 13.70 6.63
C GLY A 196 4.91 12.45 6.40
N ASP A 197 4.75 12.04 5.15
CA ASP A 197 3.97 10.84 4.84
C ASP A 197 4.84 9.65 4.53
N ALA A 198 6.14 9.75 4.73
CA ALA A 198 7.10 8.79 4.24
C ALA A 198 7.27 7.61 5.20
N ASP A 199 7.70 6.50 4.64
CA ASP A 199 8.08 5.31 5.40
C ASP A 199 9.60 5.31 5.44
N THR A 200 10.16 5.87 6.52
CA THR A 200 11.60 6.00 6.59
C THR A 200 12.31 4.66 6.77
N GLU A 201 11.62 3.65 7.30
CA GLU A 201 12.24 2.34 7.49
C GLU A 201 12.46 1.64 6.15
N HIS A 202 11.48 1.71 5.26
CA HIS A 202 11.51 0.94 4.02
C HIS A 202 11.95 1.75 2.81
N TYR A 203 12.17 3.06 2.94
CA TYR A 203 12.42 3.90 1.77
C TYR A 203 13.63 3.41 0.95
N ALA A 204 14.75 3.13 1.61
CA ALA A 204 15.96 2.76 0.90
C ALA A 204 15.76 1.50 0.07
N ALA A 205 15.14 0.48 0.67
CA ALA A 205 14.86 -0.74 -0.06
C ALA A 205 13.91 -0.49 -1.23
N SER A 206 12.94 0.41 -1.04
CA SER A 206 12.01 0.70 -2.13
C SER A 206 12.72 1.37 -3.29
N ALA A 207 13.62 2.32 -3.00
CA ALA A 207 14.38 2.95 -4.06
C ALA A 207 15.23 1.93 -4.82
N ARG A 208 15.95 1.07 -4.08
CA ARG A 208 16.72 0.03 -4.74
C ARG A 208 15.84 -0.90 -5.55
N ALA A 209 14.62 -1.20 -5.07
CA ALA A 209 13.75 -2.09 -5.82
C ALA A 209 13.36 -1.48 -7.15
N PHE A 210 13.11 -0.18 -7.16
CA PHE A 210 12.81 0.51 -8.42
C PHE A 210 13.95 0.33 -9.42
N GLY A 211 15.19 0.53 -8.97
CA GLY A 211 16.33 0.35 -9.85
C GLY A 211 16.43 -1.08 -10.37
N ALA A 212 16.15 -2.07 -9.53
CA ALA A 212 16.27 -3.45 -9.96
C ALA A 212 15.14 -3.85 -10.90
N ALA A 213 13.98 -3.18 -10.79
CA ALA A 213 12.84 -3.47 -11.64
C ALA A 213 13.08 -3.02 -13.08
N PHE A 214 13.79 -1.92 -13.28
CA PHE A 214 14.05 -1.36 -14.60
C PHE A 214 15.56 -1.29 -14.80
N PRO A 215 16.23 -2.44 -14.85
CA PRO A 215 17.70 -2.47 -14.74
C PRO A 215 18.42 -1.80 -15.88
N LYS A 216 17.80 -1.65 -17.05
CA LYS A 216 18.46 -1.06 -18.19
C LYS A 216 18.04 0.38 -18.49
N ALA A 217 17.07 0.94 -17.76
CA ALA A 217 16.71 2.33 -17.97
C ALA A 217 17.93 3.22 -17.68
N SER A 218 18.24 4.12 -18.61
CA SER A 218 19.35 5.04 -18.46
C SER A 218 18.89 6.47 -18.25
N MET A 219 17.62 6.78 -18.51
CA MET A 219 17.06 8.10 -18.25
C MET A 219 16.00 7.96 -17.17
N ILE A 220 16.25 8.51 -16.00
CA ILE A 220 15.32 8.41 -14.89
C ILE A 220 14.60 9.75 -14.76
N VAL A 221 13.29 9.72 -14.97
CA VAL A 221 12.44 10.91 -14.93
C VAL A 221 11.81 10.93 -13.54
N MET A 222 11.69 12.11 -12.95
CA MET A 222 11.17 12.23 -11.58
C MET A 222 10.32 13.49 -11.47
N SER A 223 9.54 13.56 -10.40
CA SER A 223 8.54 14.60 -10.28
C SER A 223 9.14 15.98 -10.09
N HIS A 224 10.24 16.10 -9.33
CA HIS A 224 10.68 17.42 -8.88
C HIS A 224 12.12 17.73 -9.26
N SER A 225 12.66 17.03 -10.24
CA SER A 225 13.98 17.32 -10.80
C SER A 225 13.94 17.00 -12.28
N ALA A 226 14.89 17.57 -13.03
CA ALA A 226 15.08 17.22 -14.43
C ALA A 226 15.54 15.77 -14.53
N PRO A 227 15.36 15.15 -15.70
CA PRO A 227 15.79 13.75 -15.85
C PRO A 227 17.27 13.58 -15.53
N ASP A 228 17.61 12.44 -14.94
CA ASP A 228 18.97 12.19 -14.49
C ASP A 228 19.38 10.77 -14.92
N SER A 229 20.64 10.43 -14.67
CA SER A 229 21.10 9.08 -14.92
C SER A 229 20.69 8.17 -13.76
N ARG A 230 21.13 6.90 -13.81
CA ARG A 230 20.79 5.94 -12.78
C ARG A 230 21.40 6.30 -11.44
N ALA A 231 22.41 7.17 -11.42
CA ALA A 231 22.95 7.64 -10.15
C ALA A 231 21.87 8.25 -9.25
N ALA A 232 20.81 8.80 -9.83
CA ALA A 232 19.72 9.34 -9.01
C ALA A 232 19.14 8.28 -8.09
N ILE A 233 18.99 7.05 -8.60
CA ILE A 233 18.43 5.97 -7.81
C ILE A 233 19.36 5.65 -6.64
N THR A 234 20.62 5.43 -6.93
CA THR A 234 21.56 5.01 -5.89
C THR A 234 21.76 6.12 -4.87
N HIS A 235 21.87 7.37 -5.34
CA HIS A 235 22.02 8.49 -4.41
C HIS A 235 20.79 8.62 -3.51
N THR A 236 19.60 8.49 -4.08
CA THR A 236 18.39 8.50 -3.25
C THR A 236 18.43 7.40 -2.20
N ALA A 237 18.79 6.17 -2.61
CA ALA A 237 18.80 5.08 -1.65
C ALA A 237 19.82 5.30 -0.55
N ARG A 238 20.98 5.88 -0.89
CA ARG A 238 22.00 6.10 0.14
C ARG A 238 21.62 7.22 1.09
N MET A 239 20.88 8.23 0.61
CA MET A 239 20.32 9.21 1.54
C MET A 239 19.31 8.54 2.46
N ALA A 240 18.48 7.65 1.90
CA ALA A 240 17.47 6.99 2.71
C ALA A 240 18.08 6.03 3.70
N ASP A 241 19.26 5.46 3.40
CA ASP A 241 19.93 4.61 4.37
C ASP A 241 20.15 5.37 5.67
N LYS A 242 20.36 6.68 5.60
CA LYS A 242 20.65 7.47 6.78
C LYS A 242 19.41 7.69 7.66
N LEU A 243 18.22 7.34 7.18
CA LEU A 243 17.01 7.52 7.98
C LEU A 243 16.74 6.38 8.94
N ARG A 244 17.46 5.27 8.84
CA ARG A 244 17.15 4.04 9.57
C ARG A 244 17.99 3.92 10.83
N ASP B 17 -10.88 -21.84 29.99
CA ASP B 17 -9.73 -21.81 29.09
C ASP B 17 -8.88 -23.09 29.20
N GLN B 18 -8.24 -23.45 28.09
CA GLN B 18 -7.39 -24.63 28.00
C GLN B 18 -5.95 -24.23 27.70
N ARG B 19 -5.02 -24.97 28.29
CA ARG B 19 -3.59 -24.79 28.03
C ARG B 19 -3.04 -26.02 27.33
N PHE B 20 -2.18 -25.77 26.33
CA PHE B 20 -1.42 -26.80 25.63
C PHE B 20 -0.01 -26.25 25.47
N GLY B 21 0.95 -26.83 26.19
CA GLY B 21 2.29 -26.26 26.15
C GLY B 21 2.30 -24.85 26.70
N ASP B 22 2.81 -23.92 25.90
CA ASP B 22 2.86 -22.50 26.26
C ASP B 22 1.70 -21.70 25.69
N LEU B 23 0.71 -22.37 25.10
CA LEU B 23 -0.42 -21.72 24.45
C LEU B 23 -1.68 -21.83 25.31
N VAL B 24 -2.55 -20.83 25.15
CA VAL B 24 -3.83 -20.77 25.83
C VAL B 24 -4.93 -20.62 24.78
N PHE B 25 -6.03 -21.34 24.98
CA PHE B 25 -7.13 -21.32 24.04
C PHE B 25 -8.44 -21.03 24.76
N ARG B 26 -9.28 -20.22 24.14
CA ARG B 26 -10.58 -19.87 24.69
C ARG B 26 -11.62 -19.99 23.60
N GLN B 27 -12.68 -20.74 23.86
CA GLN B 27 -13.75 -20.83 22.88
C GLN B 27 -14.61 -19.58 22.92
N LEU B 28 -14.79 -18.96 21.75
CA LEU B 28 -15.60 -17.77 21.64
C LEU B 28 -16.99 -18.04 21.09
N ALA B 29 -17.13 -19.10 20.30
CA ALA B 29 -18.38 -19.47 19.66
C ALA B 29 -18.31 -20.95 19.34
N PRO B 30 -19.43 -21.56 18.96
CA PRO B 30 -19.39 -23.01 18.69
C PRO B 30 -18.26 -23.46 17.79
N ASN B 31 -17.88 -22.64 16.80
CA ASN B 31 -16.85 -23.00 15.83
C ASN B 31 -15.68 -22.03 15.80
N VAL B 32 -15.47 -21.24 16.84
CA VAL B 32 -14.40 -20.25 16.85
C VAL B 32 -13.70 -20.26 18.20
N TRP B 33 -12.37 -20.29 18.16
CA TRP B 33 -11.56 -20.22 19.37
C TRP B 33 -10.48 -19.17 19.17
N GLN B 34 -10.06 -18.54 20.28
CA GLN B 34 -8.94 -17.62 20.30
C GLN B 34 -7.71 -18.36 20.78
N HIS B 35 -6.59 -18.23 20.04
CA HIS B 35 -5.30 -18.72 20.51
C HIS B 35 -4.46 -17.57 21.05
N THR B 36 -3.77 -17.82 22.16
CA THR B 36 -2.95 -16.80 22.80
C THR B 36 -1.57 -17.35 23.12
N SER B 37 -0.55 -16.64 22.68
CA SER B 37 0.85 -16.95 22.92
C SER B 37 1.54 -15.72 23.51
N TYR B 38 2.69 -15.94 24.13
CA TYR B 38 3.37 -14.93 24.95
C TYR B 38 4.83 -14.82 24.56
N LEU B 39 5.32 -13.58 24.53
CA LEU B 39 6.73 -13.28 24.30
C LEU B 39 7.20 -12.18 25.24
N ASP B 40 8.43 -12.31 25.73
CA ASP B 40 8.97 -11.32 26.66
C ASP B 40 9.42 -10.09 25.88
N MET B 41 8.81 -8.93 26.18
CA MET B 41 9.16 -7.65 25.60
C MET B 41 9.85 -6.77 26.62
N PRO B 42 10.69 -5.82 26.20
CA PRO B 42 11.23 -4.85 27.16
C PRO B 42 10.14 -3.93 27.67
N GLY B 43 10.21 -3.63 28.97
CA GLY B 43 9.31 -2.70 29.61
C GLY B 43 7.89 -3.17 29.77
N PHE B 44 7.55 -4.35 29.26
CA PHE B 44 6.20 -4.87 29.31
C PHE B 44 6.10 -6.22 30.00
N GLY B 45 7.18 -6.99 30.03
CA GLY B 45 7.05 -8.32 30.58
C GLY B 45 6.56 -9.23 29.46
N ALA B 46 5.89 -10.30 29.85
CA ALA B 46 5.31 -11.18 28.85
C ALA B 46 4.18 -10.42 28.16
N VAL B 47 4.14 -10.52 26.83
CA VAL B 47 3.10 -9.87 26.03
C VAL B 47 2.27 -10.92 25.33
N ALA B 48 0.96 -10.86 25.54
CA ALA B 48 0.07 -11.80 24.88
C ALA B 48 -0.19 -11.34 23.45
N SER B 49 -0.28 -12.30 22.53
CA SER B 49 -0.77 -12.05 21.19
C SER B 49 -1.84 -13.08 20.86
N ASN B 50 -2.96 -12.62 20.33
CA ASN B 50 -4.12 -13.44 20.03
C ASN B 50 -4.31 -13.64 18.53
N GLY B 51 -4.72 -14.84 18.15
CA GLY B 51 -5.24 -15.12 16.82
C GLY B 51 -6.51 -15.95 16.91
N LEU B 52 -6.98 -16.47 15.79
CA LEU B 52 -8.23 -17.23 15.80
C LEU B 52 -8.05 -18.58 15.12
N ILE B 53 -8.95 -19.49 15.51
CA ILE B 53 -9.12 -20.81 14.94
C ILE B 53 -10.60 -20.97 14.61
N VAL B 54 -10.89 -21.37 13.38
CA VAL B 54 -12.26 -21.47 12.90
C VAL B 54 -12.50 -22.86 12.32
N ARG B 55 -13.52 -23.54 12.82
CA ARG B 55 -13.97 -24.80 12.23
C ARG B 55 -15.03 -24.48 11.18
N ASP B 56 -14.77 -24.90 9.95
CA ASP B 56 -15.65 -24.67 8.82
C ASP B 56 -15.98 -26.02 8.20
N GLY B 57 -17.06 -26.62 8.67
CA GLY B 57 -17.41 -27.97 8.22
C GLY B 57 -16.32 -28.94 8.60
N GLY B 58 -15.74 -29.61 7.61
CA GLY B 58 -14.74 -30.63 7.89
C GLY B 58 -13.30 -30.15 7.84
N ARG B 59 -13.07 -28.85 7.98
CA ARG B 59 -11.73 -28.31 7.95
C ARG B 59 -11.62 -27.19 8.96
N VAL B 60 -10.39 -26.81 9.24
CA VAL B 60 -10.08 -25.72 10.16
C VAL B 60 -9.30 -24.65 9.42
N LEU B 61 -9.57 -23.40 9.77
CA LEU B 61 -8.90 -22.23 9.22
C LEU B 61 -8.28 -21.45 10.36
N VAL B 62 -7.08 -20.90 10.16
CA VAL B 62 -6.35 -20.20 11.22
C VAL B 62 -6.12 -18.74 10.81
N VAL B 63 -6.26 -17.83 11.76
CA VAL B 63 -5.92 -16.42 11.54
C VAL B 63 -4.77 -16.10 12.48
N ASP B 64 -3.60 -15.79 11.91
CA ASP B 64 -2.34 -15.44 12.57
C ASP B 64 -1.57 -16.60 13.16
N THR B 65 -0.23 -16.55 13.05
CA THR B 65 0.61 -17.49 13.78
C THR B 65 0.77 -17.01 15.21
N ALA B 66 1.50 -17.78 16.00
CA ALA B 66 2.01 -17.34 17.29
C ALA B 66 3.32 -16.58 17.07
N TRP B 67 3.95 -16.13 18.15
CA TRP B 67 5.19 -15.38 18.03
C TRP B 67 6.31 -16.22 17.42
N THR B 68 6.29 -17.54 17.63
CA THR B 68 7.41 -18.37 17.20
C THR B 68 6.91 -19.63 16.50
N ASP B 69 7.84 -20.29 15.80
CA ASP B 69 7.56 -21.57 15.17
C ASP B 69 7.15 -22.62 16.20
N ASP B 70 7.89 -22.71 17.30
CA ASP B 70 7.54 -23.70 18.31
C ASP B 70 6.15 -23.46 18.84
N GLN B 71 5.80 -22.21 19.14
CA GLN B 71 4.47 -21.92 19.63
C GLN B 71 3.42 -22.22 18.57
N THR B 72 3.72 -21.96 17.30
CA THR B 72 2.74 -22.22 16.25
C THR B 72 2.49 -23.71 16.09
N ALA B 73 3.55 -24.52 16.22
CA ALA B 73 3.36 -25.96 16.21
C ALA B 73 2.45 -26.43 17.34
N GLN B 74 2.54 -25.78 18.52
CA GLN B 74 1.65 -26.13 19.62
C GLN B 74 0.18 -25.86 19.30
N ILE B 75 -0.11 -24.76 18.58
CA ILE B 75 -1.49 -24.49 18.13
C ILE B 75 -1.98 -25.65 17.28
N LEU B 76 -1.16 -26.08 16.33
CA LEU B 76 -1.58 -27.11 15.39
C LEU B 76 -1.84 -28.43 16.12
N ASN B 77 -1.02 -28.75 17.11
CA ASN B 77 -1.24 -29.98 17.85
C ASN B 77 -2.46 -29.90 18.78
N TRP B 78 -2.71 -28.74 19.38
CA TRP B 78 -3.97 -28.56 20.10
C TRP B 78 -5.15 -28.78 19.16
N ILE B 79 -5.11 -28.20 17.95
CA ILE B 79 -6.17 -28.44 16.97
C ILE B 79 -6.36 -29.93 16.72
N LYS B 80 -5.28 -30.66 16.48
CA LYS B 80 -5.40 -32.10 16.22
C LYS B 80 -6.08 -32.80 17.38
N GLN B 81 -5.66 -32.48 18.60
CA GLN B 81 -6.16 -33.14 19.80
C GLN B 81 -7.63 -32.80 20.07
N GLU B 82 -7.99 -31.51 19.98
CA GLU B 82 -9.29 -31.07 20.46
C GLU B 82 -10.35 -30.98 19.37
N ILE B 83 -9.96 -30.77 18.13
CA ILE B 83 -10.88 -30.61 17.01
C ILE B 83 -10.77 -31.77 16.03
N ASN B 84 -9.54 -32.20 15.75
CA ASN B 84 -9.28 -33.39 14.93
C ASN B 84 -9.87 -33.26 13.51
N LEU B 85 -9.62 -32.12 12.88
CA LEU B 85 -9.92 -31.87 11.48
C LEU B 85 -8.70 -31.23 10.85
N PRO B 86 -8.49 -31.44 9.56
CA PRO B 86 -7.31 -30.86 8.91
C PRO B 86 -7.39 -29.35 8.82
N VAL B 87 -6.22 -28.70 8.96
CA VAL B 87 -6.12 -27.26 8.77
C VAL B 87 -5.87 -26.97 7.31
N ALA B 88 -6.84 -26.31 6.66
CA ALA B 88 -6.77 -26.09 5.22
C ALA B 88 -5.92 -24.87 4.86
N LEU B 89 -6.02 -23.80 5.63
CA LEU B 89 -5.33 -22.57 5.22
C LEU B 89 -5.21 -21.66 6.42
N ALA B 90 -4.30 -20.71 6.31
CA ALA B 90 -4.11 -19.68 7.32
C ALA B 90 -3.96 -18.33 6.65
N VAL B 91 -4.49 -17.30 7.32
N VAL B 91 -4.55 -17.32 7.27
CA VAL B 91 -4.36 -15.92 6.90
CA VAL B 91 -4.35 -15.93 6.91
C VAL B 91 -3.61 -15.16 7.99
C VAL B 91 -3.49 -15.32 7.99
N VAL B 92 -2.60 -14.40 7.60
CA VAL B 92 -1.76 -13.67 8.55
C VAL B 92 -1.93 -12.19 8.26
N THR B 93 -2.01 -11.39 9.32
CA THR B 93 -2.62 -10.07 9.19
C THR B 93 -1.65 -8.88 9.09
N HIS B 94 -0.35 -9.07 9.30
CA HIS B 94 0.67 -8.15 8.83
C HIS B 94 2.04 -8.73 9.09
N ALA B 95 3.07 -8.10 8.52
CA ALA B 95 4.44 -8.66 8.56
C ALA B 95 5.22 -8.21 9.78
N HIS B 96 4.72 -8.60 10.97
CA HIS B 96 5.46 -8.49 12.21
C HIS B 96 5.46 -9.84 12.93
N GLN B 97 6.39 -10.01 13.87
CA GLN B 97 6.63 -11.31 14.48
C GLN B 97 5.40 -11.90 15.17
N ASP B 98 4.57 -11.08 15.82
CA ASP B 98 3.44 -11.63 16.54
C ASP B 98 2.43 -12.31 15.62
N LYS B 99 2.39 -11.91 14.35
CA LYS B 99 1.40 -12.42 13.40
C LYS B 99 1.98 -13.38 12.39
N MET B 100 3.27 -13.25 12.07
CA MET B 100 3.94 -14.04 11.04
C MET B 100 5.17 -14.79 11.56
N GLY B 101 5.48 -14.72 12.85
CA GLY B 101 6.65 -15.38 13.37
C GLY B 101 6.68 -16.90 13.22
N GLY B 102 5.52 -17.54 13.02
CA GLY B 102 5.46 -18.99 12.93
C GLY B 102 5.17 -19.53 11.53
N MET B 103 5.47 -18.76 10.48
CA MET B 103 5.15 -19.19 9.12
C MET B 103 5.82 -20.52 8.79
N ASP B 104 7.07 -20.71 9.19
CA ASP B 104 7.76 -21.96 8.84
C ASP B 104 7.00 -23.16 9.39
N ALA B 105 6.45 -23.04 10.59
CA ALA B 105 5.70 -24.15 11.17
C ALA B 105 4.44 -24.45 10.37
N LEU B 106 3.72 -23.42 9.92
CA LEU B 106 2.57 -23.64 9.07
C LEU B 106 2.98 -24.36 7.79
N HIS B 107 4.07 -23.92 7.17
CA HIS B 107 4.51 -24.53 5.92
C HIS B 107 4.95 -25.97 6.13
N ALA B 108 5.67 -26.25 7.21
CA ALA B 108 6.10 -27.61 7.51
C ALA B 108 4.92 -28.53 7.74
N ALA B 109 3.81 -27.97 8.22
CA ALA B 109 2.60 -28.75 8.46
C ALA B 109 1.73 -28.88 7.22
N GLY B 110 2.17 -28.34 6.09
CA GLY B 110 1.39 -28.47 4.88
C GLY B 110 0.19 -27.54 4.78
N ILE B 111 0.18 -26.42 5.50
CA ILE B 111 -0.95 -25.50 5.49
C ILE B 111 -0.69 -24.43 4.43
N ALA B 112 -1.67 -24.19 3.56
CA ALA B 112 -1.57 -23.11 2.59
C ALA B 112 -1.70 -21.77 3.30
N THR B 113 -0.83 -20.82 2.98
CA THR B 113 -0.78 -19.54 3.69
C THR B 113 -1.04 -18.36 2.76
N TYR B 114 -1.70 -17.35 3.32
CA TYR B 114 -2.15 -16.16 2.62
C TYR B 114 -1.85 -14.93 3.44
N ALA B 115 -1.39 -13.87 2.78
CA ALA B 115 -1.19 -12.58 3.43
C ALA B 115 -1.40 -11.50 2.37
N ASN B 116 -1.65 -10.26 2.81
CA ASN B 116 -1.63 -9.11 1.90
C ASN B 116 -0.35 -9.17 1.06
N ALA B 117 -0.49 -8.92 -0.25
CA ALA B 117 0.68 -8.83 -1.11
C ALA B 117 1.76 -7.94 -0.50
N LEU B 118 1.35 -6.82 0.09
CA LEU B 118 2.33 -5.91 0.70
C LEU B 118 3.04 -6.57 1.88
N SER B 119 2.31 -7.34 2.69
CA SER B 119 2.95 -8.07 3.78
C SER B 119 4.02 -8.99 3.24
N ASN B 120 3.72 -9.67 2.14
CA ASN B 120 4.71 -10.57 1.56
C ASN B 120 5.91 -9.80 0.98
N GLN B 121 5.66 -8.62 0.41
CA GLN B 121 6.75 -7.80 -0.11
C GLN B 121 7.64 -7.27 1.01
N LEU B 122 7.06 -6.94 2.16
CA LEU B 122 7.82 -6.43 3.30
C LEU B 122 8.47 -7.54 4.13
N ALA B 123 7.99 -8.78 4.02
CA ALA B 123 8.43 -9.85 4.91
C ALA B 123 9.95 -10.02 4.95
N PRO B 124 10.66 -10.10 3.82
CA PRO B 124 12.12 -10.22 3.91
C PRO B 124 12.78 -9.12 4.74
N GLN B 125 12.37 -7.86 4.54
CA GLN B 125 12.95 -6.80 5.35
C GLN B 125 12.61 -6.94 6.82
N GLU B 126 11.42 -7.47 7.13
CA GLU B 126 10.94 -7.59 8.49
C GLU B 126 11.40 -8.87 9.17
N GLY B 127 12.26 -9.66 8.53
CA GLY B 127 12.72 -10.92 9.09
C GLY B 127 11.67 -12.01 9.16
N MET B 128 10.62 -11.91 8.34
CA MET B 128 9.54 -12.87 8.30
C MET B 128 9.64 -13.67 7.02
N VAL B 129 9.15 -14.89 7.09
CA VAL B 129 8.96 -15.73 5.91
C VAL B 129 7.64 -15.35 5.25
N ALA B 130 7.70 -15.07 3.97
CA ALA B 130 6.49 -14.69 3.25
C ALA B 130 5.51 -15.86 3.20
N ALA B 131 4.22 -15.51 3.16
CA ALA B 131 3.21 -16.50 2.86
C ALA B 131 3.34 -17.00 1.43
N GLN B 132 2.72 -18.14 1.15
CA GLN B 132 2.77 -18.75 -0.17
C GLN B 132 1.94 -17.99 -1.17
N HIS B 133 0.88 -17.32 -0.73
CA HIS B 133 -0.04 -16.65 -1.63
C HIS B 133 -0.29 -15.23 -1.15
N SER B 134 -0.60 -14.36 -2.11
CA SER B 134 -0.82 -12.95 -1.88
C SER B 134 -2.27 -12.57 -2.12
N LEU B 135 -2.84 -11.89 -1.14
CA LEU B 135 -4.16 -11.25 -1.23
C LEU B 135 -3.99 -9.83 -1.77
N THR B 136 -4.89 -9.44 -2.65
CA THR B 136 -4.97 -8.06 -3.10
C THR B 136 -6.37 -7.52 -2.83
N PHE B 137 -6.50 -6.19 -2.88
CA PHE B 137 -7.68 -5.50 -2.36
C PHE B 137 -8.15 -4.42 -3.32
N ALA B 138 -9.47 -4.30 -3.42
CA ALA B 138 -10.12 -3.25 -4.18
C ALA B 138 -9.98 -1.89 -3.45
N ALA B 139 -10.34 -0.82 -4.17
CA ALA B 139 -10.27 0.53 -3.61
C ALA B 139 -11.17 0.69 -2.38
N ASN B 140 -12.23 -0.11 -2.28
CA ASN B 140 -13.10 -0.06 -1.12
C ASN B 140 -12.63 -0.96 0.01
N GLY B 141 -11.51 -1.64 -0.14
CA GLY B 141 -10.90 -2.39 0.92
C GLY B 141 -11.18 -3.88 0.88
N TRP B 142 -12.19 -4.34 0.14
CA TRP B 142 -12.50 -5.76 0.14
C TRP B 142 -11.52 -6.58 -0.68
N VAL B 143 -11.19 -7.77 -0.19
CA VAL B 143 -10.28 -8.65 -0.93
C VAL B 143 -10.83 -8.92 -2.31
N GLU B 144 -9.93 -8.95 -3.29
CA GLU B 144 -10.29 -9.39 -4.64
C GLU B 144 -10.51 -10.90 -4.57
N PRO B 145 -11.72 -11.40 -4.79
CA PRO B 145 -12.01 -12.80 -4.39
C PRO B 145 -11.16 -13.85 -5.08
N ALA B 146 -10.67 -13.61 -6.29
CA ALA B 146 -9.82 -14.61 -6.96
C ALA B 146 -8.54 -14.88 -6.19
N THR B 147 -8.10 -13.94 -5.34
CA THR B 147 -6.89 -14.12 -4.55
C THR B 147 -7.14 -14.80 -3.22
N ALA B 148 -8.41 -15.08 -2.89
CA ALA B 148 -8.78 -15.73 -1.62
C ALA B 148 -9.71 -16.91 -1.90
N PRO B 149 -9.23 -17.90 -2.65
CA PRO B 149 -10.09 -19.03 -3.03
C PRO B 149 -10.43 -19.90 -1.84
N ASN B 150 -11.71 -20.31 -1.78
CA ASN B 150 -12.18 -21.30 -0.81
C ASN B 150 -11.94 -20.85 0.62
N PHE B 151 -12.15 -19.57 0.88
CA PHE B 151 -12.00 -19.02 2.22
C PHE B 151 -13.20 -19.30 3.12
N GLY B 152 -14.26 -19.90 2.61
CA GLY B 152 -15.40 -20.24 3.45
C GLY B 152 -15.94 -19.00 4.15
N PRO B 153 -16.03 -19.04 5.49
CA PRO B 153 -16.63 -17.92 6.21
C PRO B 153 -15.70 -16.74 6.42
N LEU B 154 -14.41 -16.84 6.07
CA LEU B 154 -13.46 -15.76 6.33
C LEU B 154 -13.62 -14.66 5.30
N LYS B 155 -14.00 -13.46 5.76
CA LYS B 155 -14.19 -12.28 4.90
C LYS B 155 -13.09 -11.27 5.20
N VAL B 156 -12.16 -11.12 4.26
CA VAL B 156 -10.94 -10.35 4.50
C VAL B 156 -11.11 -8.94 3.97
N PHE B 157 -10.73 -7.96 4.79
CA PHE B 157 -10.91 -6.55 4.50
C PHE B 157 -9.63 -5.80 4.86
N TYR B 158 -9.17 -4.97 3.92
CA TYR B 158 -8.03 -4.07 4.16
C TYR B 158 -8.56 -2.68 4.48
N PRO B 159 -8.40 -2.20 5.71
CA PRO B 159 -9.08 -0.98 6.11
C PRO B 159 -8.32 0.28 5.79
N GLY B 160 -7.09 0.13 5.29
CA GLY B 160 -6.20 1.23 5.09
C GLY B 160 -5.08 1.21 6.10
N PRO B 161 -4.09 2.08 5.90
CA PRO B 161 -2.93 2.09 6.79
C PRO B 161 -3.32 2.54 8.21
N GLY B 162 -2.73 1.89 9.20
CA GLY B 162 -3.00 2.26 10.58
C GLY B 162 -1.84 1.88 11.46
N HIS B 163 -1.94 0.74 12.13
CA HIS B 163 -0.82 0.20 12.88
C HIS B 163 0.41 0.02 11.99
N THR B 164 0.21 -0.52 10.80
CA THR B 164 1.19 -0.58 9.74
C THR B 164 0.46 -0.27 8.44
N SER B 165 1.22 -0.12 7.35
CA SER B 165 0.59 0.11 6.06
C SER B 165 -0.07 -1.14 5.50
N ASP B 166 0.31 -2.32 5.98
CA ASP B 166 -0.15 -3.59 5.41
C ASP B 166 -1.25 -4.29 6.21
N ASN B 167 -1.65 -3.74 7.36
CA ASN B 167 -2.54 -4.46 8.27
C ASN B 167 -3.88 -4.77 7.63
N ILE B 168 -4.32 -6.01 7.83
CA ILE B 168 -5.61 -6.46 7.30
C ILE B 168 -6.45 -7.02 8.45
N THR B 169 -7.74 -7.20 8.18
CA THR B 169 -8.74 -7.61 9.16
C THR B 169 -9.63 -8.70 8.57
N VAL B 170 -10.34 -9.42 9.44
CA VAL B 170 -11.08 -10.60 9.02
C VAL B 170 -12.37 -10.73 9.80
N GLY B 171 -13.49 -10.82 9.09
CA GLY B 171 -14.77 -11.18 9.69
C GLY B 171 -15.08 -12.65 9.48
N ILE B 172 -15.83 -13.22 10.42
CA ILE B 172 -16.24 -14.61 10.35
C ILE B 172 -17.74 -14.65 10.09
N ASP B 173 -18.12 -14.94 8.86
CA ASP B 173 -19.52 -15.00 8.51
C ASP B 173 -20.19 -16.11 9.31
N GLY B 174 -21.47 -15.90 9.61
CA GLY B 174 -22.21 -16.85 10.41
C GLY B 174 -21.95 -16.73 11.90
N THR B 175 -21.17 -15.74 12.32
CA THR B 175 -20.90 -15.49 13.72
C THR B 175 -20.95 -13.99 13.96
N ASP B 176 -20.85 -13.60 15.22
CA ASP B 176 -20.84 -12.20 15.59
C ASP B 176 -19.44 -11.64 15.66
N ILE B 177 -18.45 -12.34 15.11
CA ILE B 177 -17.04 -12.05 15.40
C ILE B 177 -16.36 -11.35 14.23
N ALA B 178 -15.57 -10.32 14.55
CA ALA B 178 -14.63 -9.75 13.59
C ALA B 178 -13.29 -9.52 14.28
N PHE B 179 -12.22 -9.69 13.53
CA PHE B 179 -10.85 -9.67 14.06
C PHE B 179 -10.14 -8.45 13.51
N GLY B 180 -9.75 -7.54 14.41
CA GLY B 180 -9.03 -6.35 14.02
C GLY B 180 -7.53 -6.45 14.09
N GLY B 181 -6.98 -7.55 14.55
CA GLY B 181 -5.52 -7.67 14.59
C GLY B 181 -4.91 -6.61 15.49
N CYS B 182 -3.76 -6.08 15.09
CA CYS B 182 -3.07 -5.06 15.88
C CYS B 182 -3.60 -3.64 15.63
N LEU B 183 -4.56 -3.47 14.72
CA LEU B 183 -5.12 -2.16 14.46
C LEU B 183 -5.98 -1.68 15.62
N ILE B 184 -6.75 -2.57 16.21
CA ILE B 184 -7.74 -2.21 17.21
C ILE B 184 -7.20 -2.48 18.61
N LYS B 185 -7.42 -1.51 19.49
CA LYS B 185 -7.11 -1.61 20.91
C LYS B 185 -8.41 -1.67 21.71
N ASP B 186 -8.31 -2.13 22.93
CA ASP B 186 -9.52 -2.30 23.72
C ASP B 186 -10.09 -0.95 24.13
N SER B 187 -11.37 -0.98 24.54
CA SER B 187 -12.12 0.24 24.80
C SER B 187 -11.68 0.99 26.03
N LYS B 188 -10.83 0.41 26.88
CA LYS B 188 -10.25 1.12 28.03
C LYS B 188 -8.84 1.62 27.78
N ALA B 189 -8.29 1.41 26.60
CA ALA B 189 -6.88 1.71 26.42
C ALA B 189 -6.56 3.18 26.57
N LYS B 190 -5.36 3.45 27.07
CA LYS B 190 -4.84 4.80 27.21
C LYS B 190 -4.07 5.25 25.98
N SER B 191 -3.37 4.34 25.31
CA SER B 191 -2.53 4.70 24.18
C SER B 191 -2.70 3.69 23.06
N LEU B 192 -2.19 4.05 21.89
CA LEU B 192 -2.20 3.17 20.73
C LEU B 192 -0.96 2.27 20.65
N GLY B 193 -0.13 2.22 21.67
CA GLY B 193 1.00 1.30 21.63
C GLY B 193 2.14 1.75 20.73
N ASN B 194 2.73 0.80 20.01
CA ASN B 194 3.88 1.11 19.16
C ASN B 194 3.40 1.78 17.88
N LEU B 195 3.75 3.05 17.71
CA LEU B 195 3.40 3.82 16.53
C LEU B 195 4.58 3.99 15.60
N GLY B 196 5.66 3.23 15.79
CA GLY B 196 6.86 3.45 15.02
C GLY B 196 6.67 3.24 13.53
N ASP B 197 5.83 2.28 13.15
CA ASP B 197 5.54 1.96 11.76
C ASP B 197 4.15 2.44 11.34
N ALA B 198 3.51 3.26 12.17
CA ALA B 198 2.10 3.58 12.02
C ALA B 198 1.90 4.75 11.06
N ASP B 199 0.71 4.83 10.48
CA ASP B 199 0.28 5.96 9.65
C ASP B 199 -0.62 6.82 10.52
N THR B 200 -0.03 7.86 11.13
CA THR B 200 -0.76 8.65 12.09
C THR B 200 -1.85 9.48 11.44
N GLU B 201 -1.68 9.82 10.17
CA GLU B 201 -2.69 10.63 9.47
C GLU B 201 -3.95 9.83 9.19
N HIS B 202 -3.79 8.57 8.76
CA HIS B 202 -4.90 7.78 8.26
C HIS B 202 -5.43 6.76 9.28
N TYR B 203 -4.81 6.65 10.46
CA TYR B 203 -5.17 5.58 11.40
C TYR B 203 -6.66 5.62 11.77
N ALA B 204 -7.17 6.80 12.15
CA ALA B 204 -8.54 6.88 12.63
C ALA B 204 -9.53 6.45 11.54
N ALA B 205 -9.34 6.92 10.31
CA ALA B 205 -10.21 6.53 9.21
C ALA B 205 -10.13 5.02 8.97
N SER B 206 -8.95 4.43 9.12
CA SER B 206 -8.83 2.99 8.92
C SER B 206 -9.59 2.22 10.00
N ALA B 207 -9.48 2.66 11.25
CA ALA B 207 -10.26 2.01 12.30
C ALA B 207 -11.76 2.09 12.03
N ARG B 208 -12.24 3.27 11.62
CA ARG B 208 -13.65 3.43 11.27
C ARG B 208 -14.05 2.56 10.08
N ALA B 209 -13.14 2.41 9.10
CA ALA B 209 -13.43 1.60 7.92
C ALA B 209 -13.63 0.15 8.32
N PHE B 210 -12.83 -0.34 9.25
CA PHE B 210 -13.03 -1.68 9.79
C PHE B 210 -14.42 -1.85 10.41
N GLY B 211 -14.84 -0.87 11.21
CA GLY B 211 -16.17 -0.93 11.80
C GLY B 211 -17.26 -0.96 10.76
N ALA B 212 -17.10 -0.17 9.69
CA ALA B 212 -18.14 -0.09 8.66
C ALA B 212 -18.18 -1.34 7.80
N ALA B 213 -17.04 -2.01 7.65
CA ALA B 213 -16.97 -3.22 6.85
C ALA B 213 -17.73 -4.37 7.51
N PHE B 214 -17.72 -4.42 8.84
CA PHE B 214 -18.36 -5.49 9.61
C PHE B 214 -19.38 -4.88 10.56
N PRO B 215 -20.44 -4.29 10.00
CA PRO B 215 -21.33 -3.47 10.83
C PRO B 215 -22.14 -4.25 11.84
N LYS B 216 -22.33 -5.57 11.65
CA LYS B 216 -23.12 -6.36 12.60
C LYS B 216 -22.27 -7.15 13.59
N ALA B 217 -20.95 -7.12 13.46
CA ALA B 217 -20.10 -7.80 14.43
C ALA B 217 -20.24 -7.16 15.81
N SER B 218 -20.52 -7.98 16.81
CA SER B 218 -20.65 -7.49 18.16
C SER B 218 -19.52 -7.95 19.07
N MET B 219 -18.71 -8.91 18.62
CA MET B 219 -17.54 -9.33 19.36
C MET B 219 -16.33 -8.99 18.52
N ILE B 220 -15.51 -8.07 19.01
CA ILE B 220 -14.30 -7.63 18.33
C ILE B 220 -13.10 -8.27 19.02
N VAL B 221 -12.41 -9.12 18.28
CA VAL B 221 -11.20 -9.80 18.74
C VAL B 221 -10.01 -9.00 18.24
N MET B 222 -8.98 -8.89 19.06
CA MET B 222 -7.82 -8.06 18.73
C MET B 222 -6.56 -8.74 19.23
N SER B 223 -5.41 -8.24 18.79
CA SER B 223 -4.16 -8.97 19.04
C SER B 223 -3.73 -8.95 20.49
N HIS B 224 -3.94 -7.84 21.21
CA HIS B 224 -3.25 -7.65 22.49
C HIS B 224 -4.17 -7.35 23.67
N SER B 225 -5.46 -7.60 23.53
CA SER B 225 -6.39 -7.54 24.65
C SER B 225 -7.43 -8.62 24.42
N ALA B 226 -8.15 -8.95 25.49
CA ALA B 226 -9.26 -9.87 25.41
C ALA B 226 -10.37 -9.31 24.52
N PRO B 227 -11.24 -10.19 24.01
CA PRO B 227 -12.33 -9.72 23.13
C PRO B 227 -13.17 -8.64 23.80
N ASP B 228 -13.63 -7.70 23.01
CA ASP B 228 -14.39 -6.54 23.47
C ASP B 228 -15.61 -6.41 22.59
N SER B 229 -16.46 -5.44 22.90
CA SER B 229 -17.58 -5.05 22.08
C SER B 229 -17.12 -4.10 21.00
N ARG B 230 -18.08 -3.57 20.22
CA ARG B 230 -17.77 -2.58 19.20
C ARG B 230 -17.20 -1.31 19.77
N ALA B 231 -17.33 -1.10 21.09
CA ALA B 231 -16.71 0.06 21.70
C ALA B 231 -15.22 0.10 21.42
N ALA B 232 -14.58 -1.06 21.24
CA ALA B 232 -13.15 -1.07 20.96
C ALA B 232 -12.83 -0.31 19.68
N ILE B 233 -13.71 -0.43 18.67
CA ILE B 233 -13.48 0.25 17.40
C ILE B 233 -13.60 1.75 17.57
N THR B 234 -14.69 2.21 18.18
CA THR B 234 -14.93 3.64 18.30
C THR B 234 -13.93 4.29 19.24
N HIS B 235 -13.52 3.58 20.28
CA HIS B 235 -12.49 4.09 21.17
C HIS B 235 -11.14 4.20 20.46
N THR B 236 -10.78 3.17 19.68
CA THR B 236 -9.54 3.23 18.91
C THR B 236 -9.53 4.44 17.99
N ALA B 237 -10.64 4.66 17.28
CA ALA B 237 -10.72 5.79 16.36
C ALA B 237 -10.61 7.11 17.11
N ARG B 238 -11.25 7.22 18.28
CA ARG B 238 -11.17 8.46 19.06
C ARG B 238 -9.73 8.72 19.51
N MET B 239 -9.02 7.67 19.95
CA MET B 239 -7.60 7.88 20.29
C MET B 239 -6.82 8.30 19.06
N ALA B 240 -7.10 7.66 17.92
CA ALA B 240 -6.34 7.93 16.71
C ALA B 240 -6.60 9.32 16.14
N ASP B 241 -7.80 9.86 16.37
CA ASP B 241 -8.09 11.22 15.92
C ASP B 241 -7.09 12.21 16.48
N LYS B 242 -6.56 11.95 17.68
CA LYS B 242 -5.66 12.89 18.34
C LYS B 242 -4.27 12.92 17.71
N LEU B 243 -3.97 12.00 16.80
CA LEU B 243 -2.67 11.94 16.16
C LEU B 243 -2.53 12.90 14.99
N ARG B 244 -3.61 13.52 14.54
CA ARG B 244 -3.57 14.31 13.32
C ARG B 244 -3.40 15.79 13.60
ZN ZN C . 5.58 15.31 -5.56
ZN ZN D . 3.95 13.18 -3.02
C02 QT2 E . 3.55 16.32 -3.09
C03 QT2 E . 3.91 17.77 -2.67
C04 QT2 E . 2.54 18.47 -2.69
C06 QT2 E . 1.47 20.46 -2.05
C07 QT2 E . 0.20 20.06 -1.32
C10 QT2 E . 6.39 18.96 -2.65
C11 QT2 E . 7.75 18.66 -3.28
C12 QT2 E . 6.32 20.45 -2.37
C13 QT2 E . 6.04 18.03 -1.45
C14 QT2 E . 6.58 18.56 -0.07
N17 QT2 E . 4.58 17.83 -1.33
O05 QT2 E . 2.47 19.49 -1.79
O08 QT2 E . 1.58 18.20 -3.38
O15 QT2 E . 7.79 18.35 0.08
O16 QT2 E . 5.76 19.10 0.71
S01 QT2 E . 4.96 15.20 -3.35
S09 QT2 E . 5.09 18.52 -3.93
H2 QT2 E . 2.98 15.92 -2.43
H1 QT2 E . 3.03 16.33 -3.91
H4 QT2 E . 1.29 20.55 -3.00
H3 QT2 E . 1.76 21.34 -1.74
H6 QT2 E . -0.10 19.17 -1.53
H7 QT2 E . -0.52 20.66 -1.56
H5 QT2 E . 0.29 20.11 -0.36
H10 QT2 E . 8.47 19.04 -2.76
H8 QT2 E . 7.83 19.01 -4.19
H9 QT2 E . 7.95 17.70 -3.35
H13 QT2 E . 6.77 20.69 -1.54
H12 QT2 E . 5.40 20.77 -2.30
H11 QT2 E . 6.74 20.96 -3.09
H14 QT2 E . 6.43 17.16 -1.60
H18 QT2 E . 4.48 14.59 -4.26
S SO4 F . -11.53 -1.70 -11.33
O1 SO4 F . -10.09 -1.47 -11.12
O2 SO4 F . -11.88 -1.63 -12.75
O3 SO4 F . -12.10 -0.52 -10.68
O4 SO4 F . -11.97 -2.95 -10.71
S SO4 G . 24.33 0.65 -3.25
O1 SO4 G . 25.29 0.89 -4.31
O2 SO4 G . 24.70 -0.56 -2.54
O3 SO4 G . 24.28 1.73 -2.27
O4 SO4 G . 23.01 0.46 -3.84
ZN ZN H . 2.71 -5.04 14.23
ZN ZN I . 0.70 -6.79 17.56
#